data_2WKX
#
_entry.id   2WKX
#
_cell.length_a   88.990
_cell.length_b   88.990
_cell.length_c   183.923
_cell.angle_alpha   90.00
_cell.angle_beta   90.00
_cell.angle_gamma   120.00
#
_symmetry.space_group_name_H-M   'P 61 2 2'
#
loop_
_entity.id
_entity.type
_entity.pdbx_description
1 polymer 'N-ACETYLMURAMOYL-L-ALANINE AMIDASE AMID'
2 non-polymer 'ZINC ION'
3 non-polymer 'CHLORIDE ION'
4 non-polymer GLYCEROL
5 water water
#
_entity_poly.entity_id   1
_entity_poly.type   'polypeptide(L)'
_entity_poly.pdbx_seq_one_letter_code
;MGAGEKGIVEKEGYQLDTRRQAQAAYPRIKVLVIHYTADDFDSSLATLTDKQVSSHYLVPAVPPRYNGKPRIWQLVPEQE
LAWHAGISAWRGATRLNDTSIGIELENRGWQKSAGVKYFAPFEPAQIQALIPLAKDIIARYHIKPENVVAHADIAPQRKD
DPGPLFPWQQLAQQGIGAWPDAQRVNFYLAGRAPHTPVDTASLLELLARYGYDVKPDMTPREQRRVIMAFQMHFRPTLYN
GEADAETQAIAEALLEKYGQD
;
_entity_poly.pdbx_strand_id   A
#
# COMPACT_ATOMS: atom_id res chain seq x y z
N GLU A 5 -44.81 5.25 0.44
CA GLU A 5 -44.67 4.89 -1.00
C GLU A 5 -43.24 4.48 -1.34
N LYS A 6 -42.94 4.40 -2.64
CA LYS A 6 -41.57 4.17 -3.12
C LYS A 6 -40.70 5.37 -2.75
N GLY A 7 -39.54 5.10 -2.16
CA GLY A 7 -38.62 6.16 -1.72
C GLY A 7 -38.95 6.76 -0.37
N ILE A 8 -39.92 6.16 0.34
CA ILE A 8 -40.28 6.57 1.69
C ILE A 8 -39.94 5.43 2.65
N VAL A 9 -39.12 5.73 3.64
CA VAL A 9 -38.69 4.74 4.63
C VAL A 9 -39.30 5.13 5.98
N GLU A 10 -40.09 4.22 6.55
CA GLU A 10 -40.73 4.46 7.85
C GLU A 10 -39.75 4.17 8.98
N LYS A 11 -39.61 5.11 9.92
CA LYS A 11 -38.77 4.94 11.10
C LYS A 11 -39.60 5.23 12.36
N GLU A 12 -38.98 5.07 13.52
CA GLU A 12 -39.67 5.39 14.77
C GLU A 12 -39.52 6.88 15.11
N GLY A 13 -40.63 7.60 15.03
CA GLY A 13 -40.66 9.02 15.31
C GLY A 13 -40.41 9.93 14.13
N TYR A 14 -40.15 9.37 12.94
CA TYR A 14 -39.94 10.14 11.71
C TYR A 14 -40.00 9.21 10.49
N GLN A 15 -40.10 9.80 9.30
CA GLN A 15 -39.90 9.03 8.08
C GLN A 15 -38.83 9.68 7.20
N LEU A 16 -38.21 8.86 6.35
CA LEU A 16 -37.17 9.36 5.45
C LEU A 16 -37.63 9.35 3.99
N ASP A 17 -37.44 10.48 3.32
CA ASP A 17 -37.72 10.59 1.91
C ASP A 17 -36.38 10.46 1.15
N THR A 18 -36.21 9.38 0.41
CA THR A 18 -34.92 9.08 -0.26
C THR A 18 -34.96 9.34 -1.77
N ARG A 19 -36.01 10.04 -2.22
CA ARG A 19 -36.26 10.20 -3.66
C ARG A 19 -35.26 11.08 -4.41
N ARG A 20 -34.66 12.02 -3.70
CA ARG A 20 -33.68 12.92 -4.27
C ARG A 20 -32.28 12.51 -3.80
N GLN A 21 -31.44 12.07 -4.73
CA GLN A 21 -30.07 11.65 -4.41
C GLN A 21 -29.05 12.72 -4.79
N ALA A 22 -28.13 13.04 -3.87
CA ALA A 22 -27.05 14.00 -4.15
C ALA A 22 -26.05 13.41 -5.13
N GLN A 23 -25.50 14.26 -6.00
CA GLN A 23 -24.39 13.84 -6.87
C GLN A 23 -23.08 13.66 -6.10
N ALA A 24 -22.85 14.51 -5.09
CA ALA A 24 -21.60 14.43 -4.32
C ALA A 24 -21.75 13.38 -3.22
N ALA A 25 -21.51 12.13 -3.62
CA ALA A 25 -21.58 10.99 -2.72
C ALA A 25 -20.45 10.06 -3.18
N TYR A 26 -19.56 9.75 -2.25
CA TYR A 26 -18.33 8.99 -2.57
C TYR A 26 -18.01 7.96 -1.48
N PRO A 27 -17.24 6.91 -1.84
CA PRO A 27 -16.83 5.93 -0.83
C PRO A 27 -16.03 6.58 0.30
N ARG A 28 -16.21 6.08 1.51
CA ARG A 28 -15.34 6.43 2.63
C ARG A 28 -14.00 5.67 2.53
N ILE A 29 -14.02 4.56 1.78
CA ILE A 29 -12.80 3.72 1.57
C ILE A 29 -12.05 4.24 0.34
N LYS A 30 -10.81 4.69 0.56
CA LYS A 30 -10.00 5.29 -0.51
C LYS A 30 -8.62 4.64 -0.74
N VAL A 31 -8.19 3.79 0.18
CA VAL A 31 -6.81 3.27 0.17
C VAL A 31 -6.86 1.77 0.45
N LEU A 32 -5.99 1.03 -0.24
CA LEU A 32 -5.83 -0.40 0.01
C LEU A 32 -4.40 -0.60 0.49
N VAL A 33 -4.25 -1.14 1.70
CA VAL A 33 -2.89 -1.27 2.30
C VAL A 33 -2.50 -2.74 2.31
N ILE A 34 -1.28 -3.01 1.81
CA ILE A 34 -0.73 -4.37 1.79
C ILE A 34 0.30 -4.54 2.91
N HIS A 35 0.17 -5.65 3.62
CA HIS A 35 1.02 -6.00 4.77
C HIS A 35 1.61 -7.40 4.59
N TYR A 36 2.69 -7.68 5.31
CA TYR A 36 3.00 -9.08 5.64
C TYR A 36 2.80 -9.33 7.15
N THR A 37 2.55 -10.59 7.50
CA THR A 37 2.22 -10.94 8.88
C THR A 37 3.46 -11.15 9.74
N ALA A 38 4.59 -11.45 9.09
CA ALA A 38 5.81 -11.92 9.79
C ALA A 38 5.51 -13.09 10.76
N ASP A 39 4.61 -13.98 10.37
CA ASP A 39 4.15 -15.08 11.23
C ASP A 39 3.41 -16.14 10.43
N ASP A 40 3.32 -17.35 10.97
CA ASP A 40 2.62 -18.45 10.29
C ASP A 40 1.13 -18.19 10.28
N PHE A 41 0.38 -19.01 9.56
CA PHE A 41 -1.04 -18.72 9.37
C PHE A 41 -1.83 -18.73 10.68
N ASP A 42 -1.75 -19.83 11.44
CA ASP A 42 -2.58 -19.92 12.66
C ASP A 42 -2.27 -18.84 13.70
N SER A 43 -0.99 -18.55 13.88
CA SER A 43 -0.55 -17.51 14.83
CA SER A 43 -0.54 -17.51 14.81
C SER A 43 -1.00 -16.13 14.33
N SER A 44 -0.88 -15.88 13.02
CA SER A 44 -1.38 -14.63 12.40
C SER A 44 -2.88 -14.49 12.61
N LEU A 45 -3.63 -15.56 12.41
CA LEU A 45 -5.09 -15.53 12.59
C LEU A 45 -5.46 -15.20 14.05
N ALA A 46 -4.75 -15.81 15.00
CA ALA A 46 -4.96 -15.58 16.43
C ALA A 46 -4.68 -14.10 16.76
N THR A 47 -3.56 -13.59 16.29
CA THR A 47 -3.19 -12.19 16.50
C THR A 47 -4.24 -11.24 15.90
N LEU A 48 -4.63 -11.52 14.66
CA LEU A 48 -5.46 -10.59 13.89
C LEU A 48 -6.93 -10.61 14.31
N THR A 49 -7.26 -11.54 15.20
CA THR A 49 -8.60 -11.59 15.79
C THR A 49 -8.57 -11.22 17.29
N ASP A 50 -7.43 -10.75 17.81
CA ASP A 50 -7.26 -10.35 19.23
C ASP A 50 -7.77 -8.92 19.51
N LYS A 51 -7.48 -8.41 20.69
CA LYS A 51 -8.03 -7.11 21.10
C LYS A 51 -7.25 -5.90 20.56
N GLN A 52 -6.05 -6.14 20.02
CA GLN A 52 -5.13 -5.02 19.72
C GLN A 52 -4.92 -4.68 18.24
N VAL A 53 -5.14 -5.67 17.36
CA VAL A 53 -4.84 -5.53 15.94
CA VAL A 53 -4.88 -5.50 15.92
C VAL A 53 -5.81 -6.40 15.11
N SER A 54 -6.03 -6.04 13.85
CA SER A 54 -6.87 -6.84 12.95
C SER A 54 -6.56 -6.39 11.51
N SER A 55 -7.10 -7.11 10.52
CA SER A 55 -7.08 -6.70 9.13
C SER A 55 -8.39 -7.17 8.54
N HIS A 56 -8.75 -6.64 7.37
CA HIS A 56 -9.96 -7.14 6.70
C HIS A 56 -9.77 -8.53 6.10
N TYR A 57 -8.61 -8.76 5.52
CA TYR A 57 -8.32 -10.05 4.87
C TYR A 57 -6.98 -10.64 5.30
N LEU A 58 -6.90 -11.96 5.25
CA LEU A 58 -5.67 -12.72 5.54
C LEU A 58 -5.52 -13.79 4.46
N VAL A 59 -4.45 -13.65 3.68
CA VAL A 59 -4.17 -14.54 2.56
C VAL A 59 -3.03 -15.53 2.92
N PRO A 60 -3.33 -16.85 2.95
CA PRO A 60 -2.25 -17.81 3.23
C PRO A 60 -1.08 -17.69 2.23
N ALA A 61 0.11 -18.13 2.65
CA ALA A 61 1.28 -18.21 1.79
C ALA A 61 1.02 -19.05 0.54
N VAL A 62 0.32 -20.17 0.70
CA VAL A 62 -0.17 -20.98 -0.43
C VAL A 62 -1.62 -21.29 -0.08
N PRO A 63 -2.57 -20.50 -0.61
CA PRO A 63 -3.97 -20.72 -0.26
C PRO A 63 -4.50 -22.11 -0.62
N PRO A 64 -5.29 -22.74 0.27
CA PRO A 64 -5.90 -24.03 -0.05
C PRO A 64 -6.94 -23.80 -1.14
N ARG A 65 -7.10 -24.76 -2.03
CA ARG A 65 -8.08 -24.66 -3.11
C ARG A 65 -9.31 -25.56 -2.88
N TYR A 66 -10.49 -24.94 -2.98
CA TYR A 66 -11.78 -25.61 -2.90
C TYR A 66 -12.63 -25.07 -4.03
N ASN A 67 -13.36 -25.95 -4.71
CA ASN A 67 -14.20 -25.56 -5.84
C ASN A 67 -13.40 -24.91 -6.97
N GLY A 68 -12.14 -25.36 -7.12
CA GLY A 68 -11.20 -24.81 -8.09
C GLY A 68 -10.74 -23.38 -7.80
N LYS A 69 -10.88 -22.93 -6.56
CA LYS A 69 -10.55 -21.55 -6.21
C LYS A 69 -9.73 -21.48 -4.93
N PRO A 70 -8.75 -20.54 -4.85
CA PRO A 70 -8.00 -20.31 -3.60
C PRO A 70 -8.90 -19.72 -2.52
N ARG A 71 -8.74 -20.18 -1.28
CA ARG A 71 -9.50 -19.64 -0.15
C ARG A 71 -8.72 -18.55 0.58
N ILE A 72 -9.39 -17.43 0.81
CA ILE A 72 -8.87 -16.27 1.54
C ILE A 72 -9.77 -16.02 2.76
N TRP A 73 -9.20 -15.62 3.90
CA TRP A 73 -9.99 -15.37 5.10
C TRP A 73 -10.37 -13.91 5.19
N GLN A 74 -11.65 -13.68 5.50
CA GLN A 74 -12.13 -12.32 5.77
C GLN A 74 -12.48 -12.21 7.25
N LEU A 75 -11.83 -11.27 7.93
CA LEU A 75 -11.97 -11.10 9.38
C LEU A 75 -12.81 -9.92 9.86
N VAL A 76 -12.96 -8.92 9.00
CA VAL A 76 -13.70 -7.69 9.34
C VAL A 76 -14.53 -7.29 8.12
N PRO A 77 -15.83 -6.95 8.32
CA PRO A 77 -16.66 -6.46 7.22
C PRO A 77 -16.02 -5.19 6.64
N GLU A 78 -16.11 -5.01 5.32
CA GLU A 78 -15.39 -3.86 4.73
C GLU A 78 -15.97 -2.53 5.23
N GLN A 79 -17.25 -2.53 5.59
CA GLN A 79 -17.92 -1.30 6.07
C GLN A 79 -17.29 -0.80 7.38
N GLU A 80 -16.70 -1.70 8.16
CA GLU A 80 -16.00 -1.33 9.39
C GLU A 80 -14.49 -1.15 9.20
N LEU A 81 -13.86 -0.33 10.04
CA LEU A 81 -12.40 -0.24 10.06
C LEU A 81 -11.82 -1.43 10.83
N ALA A 82 -10.64 -1.85 10.38
CA ALA A 82 -9.80 -2.82 11.08
C ALA A 82 -8.60 -2.05 11.67
N TRP A 83 -7.92 -2.63 12.65
CA TRP A 83 -6.78 -1.94 13.29
C TRP A 83 -5.48 -2.48 12.69
N HIS A 84 -5.15 -2.04 11.48
CA HIS A 84 -3.98 -2.55 10.74
C HIS A 84 -2.90 -1.49 10.42
N ALA A 85 -3.26 -0.21 10.34
CA ALA A 85 -2.30 0.81 9.86
C ALA A 85 -1.53 1.51 10.97
N GLY A 86 -2.12 1.59 12.17
CA GLY A 86 -1.59 2.39 13.28
C GLY A 86 -1.41 3.85 12.89
N ILE A 87 -0.48 4.53 13.56
CA ILE A 87 -0.19 5.94 13.27
C ILE A 87 0.34 6.03 11.85
N SER A 88 -0.29 6.84 11.02
CA SER A 88 -0.03 6.74 9.59
C SER A 88 -0.43 8.01 8.87
N ALA A 89 0.06 8.16 7.64
CA ALA A 89 -0.21 9.36 6.85
C ALA A 89 0.01 9.04 5.38
N TRP A 90 -0.88 9.52 4.50
CA TRP A 90 -0.74 9.25 3.06
C TRP A 90 -1.48 10.32 2.27
N ARG A 91 -0.73 11.04 1.43
CA ARG A 91 -1.35 12.05 0.54
C ARG A 91 -2.26 13.04 1.27
N GLY A 92 -1.82 13.47 2.46
CA GLY A 92 -2.52 14.45 3.27
C GLY A 92 -3.50 13.90 4.31
N ALA A 93 -3.89 12.64 4.18
CA ALA A 93 -4.72 11.99 5.19
C ALA A 93 -3.86 11.45 6.33
N THR A 94 -4.47 11.30 7.49
CA THR A 94 -3.84 10.62 8.64
C THR A 94 -4.86 9.58 9.12
N ARG A 95 -4.50 8.79 10.13
CA ARG A 95 -5.40 7.75 10.67
C ARG A 95 -5.96 6.88 9.55
N LEU A 96 -5.05 6.29 8.79
CA LEU A 96 -5.45 5.54 7.59
C LEU A 96 -6.38 4.34 7.82
N ASN A 97 -6.45 3.80 9.04
CA ASN A 97 -7.51 2.82 9.35
C ASN A 97 -8.90 3.30 8.92
N ASP A 98 -9.14 4.60 9.09
CA ASP A 98 -10.49 5.15 8.91
C ASP A 98 -10.98 4.98 7.46
N THR A 99 -10.05 5.13 6.50
CA THR A 99 -10.36 5.22 5.07
C THR A 99 -9.68 4.11 4.25
N SER A 100 -9.23 3.06 4.92
CA SER A 100 -8.58 1.95 4.17
C SER A 100 -9.17 0.57 4.41
N ILE A 101 -8.84 -0.32 3.48
CA ILE A 101 -8.96 -1.76 3.67
C ILE A 101 -7.54 -2.32 3.83
N GLY A 102 -7.36 -3.25 4.78
CA GLY A 102 -6.03 -3.80 5.05
C GLY A 102 -6.03 -5.27 4.66
N ILE A 103 -5.06 -5.65 3.81
CA ILE A 103 -4.86 -7.07 3.42
C ILE A 103 -3.54 -7.56 4.03
N GLU A 104 -3.64 -8.62 4.85
CA GLU A 104 -2.43 -9.26 5.40
C GLU A 104 -2.05 -10.49 4.56
N LEU A 105 -0.79 -10.51 4.17
CA LEU A 105 -0.20 -11.63 3.46
C LEU A 105 0.66 -12.46 4.39
N GLU A 106 0.32 -13.74 4.58
CA GLU A 106 1.21 -14.60 5.36
C GLU A 106 2.58 -14.65 4.64
N ASN A 107 3.62 -14.17 5.31
CA ASN A 107 4.99 -14.08 4.76
C ASN A 107 5.90 -13.72 5.92
N ARG A 108 7.10 -14.32 5.95
CA ARG A 108 8.04 -14.14 7.06
C ARG A 108 8.56 -12.70 7.23
N GLY A 109 8.53 -11.91 6.17
CA GLY A 109 9.15 -10.58 6.19
C GLY A 109 10.65 -10.68 6.14
N TRP A 110 11.34 -9.89 6.97
CA TRP A 110 12.80 -9.97 7.08
C TRP A 110 13.32 -10.82 8.23
N GLN A 111 14.49 -11.40 7.99
CA GLN A 111 15.28 -12.16 8.95
C GLN A 111 16.76 -11.87 8.65
N LYS A 112 17.50 -11.56 9.71
CA LYS A 112 18.92 -11.28 9.58
C LYS A 112 19.72 -12.59 9.44
N SER A 113 20.67 -12.57 8.50
CA SER A 113 21.51 -13.72 8.19
C SER A 113 22.91 -13.17 7.98
N ALA A 114 23.78 -13.46 8.94
CA ALA A 114 25.10 -12.84 9.06
C ALA A 114 24.96 -11.31 9.08
N GLY A 115 23.93 -10.85 9.81
CA GLY A 115 23.66 -9.43 10.02
C GLY A 115 22.87 -8.71 8.93
N VAL A 116 22.91 -9.36 7.70
CA VAL A 116 22.17 -8.78 6.57
C VAL A 116 20.68 -9.10 6.71
N LYS A 117 19.85 -8.06 6.61
CA LYS A 117 18.39 -8.20 6.61
C LYS A 117 17.96 -8.80 5.27
N TYR A 118 17.50 -10.05 5.28
CA TYR A 118 17.07 -10.72 4.05
C TYR A 118 15.57 -10.92 4.09
N PHE A 119 14.90 -10.55 3.01
CA PHE A 119 13.43 -10.75 2.90
C PHE A 119 13.03 -12.11 2.28
N ALA A 120 11.79 -12.52 2.57
CA ALA A 120 11.22 -13.77 2.09
C ALA A 120 10.41 -13.55 0.81
N PRO A 121 10.74 -14.29 -0.26
CA PRO A 121 9.97 -14.16 -1.51
C PRO A 121 8.48 -14.52 -1.33
N PHE A 122 7.62 -13.91 -2.14
CA PHE A 122 6.19 -14.22 -2.14
C PHE A 122 5.91 -15.36 -3.11
N GLU A 123 5.24 -16.41 -2.65
CA GLU A 123 4.93 -17.52 -3.54
C GLU A 123 3.88 -17.13 -4.59
N PRO A 124 4.08 -17.56 -5.85
CA PRO A 124 3.16 -17.21 -6.92
C PRO A 124 1.70 -17.53 -6.60
N ALA A 125 1.42 -18.64 -5.91
CA ALA A 125 0.05 -19.01 -5.51
C ALA A 125 -0.63 -17.90 -4.70
N GLN A 126 0.12 -17.29 -3.78
CA GLN A 126 -0.41 -16.21 -2.96
C GLN A 126 -0.71 -14.97 -3.80
N ILE A 127 0.20 -14.60 -4.70
CA ILE A 127 0.00 -13.43 -5.56
C ILE A 127 -1.18 -13.66 -6.51
N GLN A 128 -1.28 -14.87 -7.04
CA GLN A 128 -2.39 -15.21 -7.96
CA GLN A 128 -2.39 -15.26 -7.94
C GLN A 128 -3.76 -15.16 -7.26
N ALA A 129 -3.81 -15.53 -5.98
CA ALA A 129 -5.04 -15.37 -5.16
C ALA A 129 -5.34 -13.89 -4.86
N LEU A 130 -4.30 -13.14 -4.52
CA LEU A 130 -4.42 -11.71 -4.20
C LEU A 130 -5.02 -10.90 -5.35
N ILE A 131 -4.55 -11.17 -6.57
CA ILE A 131 -4.94 -10.37 -7.76
C ILE A 131 -6.46 -10.17 -7.91
N PRO A 132 -7.29 -11.25 -8.03
CA PRO A 132 -8.75 -11.02 -8.15
C PRO A 132 -9.39 -10.33 -6.94
N LEU A 133 -8.91 -10.62 -5.73
CA LEU A 133 -9.46 -9.95 -4.56
C LEU A 133 -9.19 -8.43 -4.63
N ALA A 134 -7.93 -8.09 -4.91
CA ALA A 134 -7.54 -6.68 -5.05
C ALA A 134 -8.34 -5.97 -6.15
N LYS A 135 -8.47 -6.60 -7.32
CA LYS A 135 -9.27 -6.04 -8.41
C LYS A 135 -10.71 -5.80 -7.99
N ASP A 136 -11.30 -6.74 -7.25
CA ASP A 136 -12.69 -6.59 -6.78
C ASP A 136 -12.83 -5.39 -5.84
N ILE A 137 -11.90 -5.26 -4.88
CA ILE A 137 -11.91 -4.15 -3.92
C ILE A 137 -11.75 -2.81 -4.65
N ILE A 138 -10.72 -2.73 -5.50
CA ILE A 138 -10.45 -1.54 -6.30
C ILE A 138 -11.66 -1.10 -7.13
N ALA A 139 -12.27 -2.04 -7.85
CA ALA A 139 -13.48 -1.76 -8.63
C ALA A 139 -14.68 -1.29 -7.77
N ARG A 140 -14.87 -1.93 -6.61
CA ARG A 140 -16.00 -1.64 -5.72
C ARG A 140 -15.98 -0.20 -5.19
N TYR A 141 -14.79 0.31 -4.84
CA TYR A 141 -14.66 1.65 -4.25
C TYR A 141 -13.99 2.67 -5.16
N HIS A 142 -13.69 2.28 -6.42
CA HIS A 142 -12.99 3.17 -7.36
C HIS A 142 -11.67 3.72 -6.79
N ILE A 143 -10.90 2.82 -6.18
CA ILE A 143 -9.61 3.21 -5.59
C ILE A 143 -8.64 3.55 -6.72
N LYS A 144 -7.94 4.67 -6.56
CA LYS A 144 -6.96 5.11 -7.57
C LYS A 144 -5.67 4.27 -7.46
N PRO A 145 -4.92 4.07 -8.57
CA PRO A 145 -3.73 3.20 -8.49
C PRO A 145 -2.70 3.65 -7.43
N GLU A 146 -2.53 4.96 -7.27
CA GLU A 146 -1.53 5.50 -6.33
C GLU A 146 -1.92 5.25 -4.85
N ASN A 147 -3.18 4.84 -4.65
CA ASN A 147 -3.70 4.56 -3.32
C ASN A 147 -3.75 3.07 -2.97
N VAL A 148 -3.07 2.25 -3.78
CA VAL A 148 -2.76 0.86 -3.40
C VAL A 148 -1.30 0.93 -2.88
N VAL A 149 -1.15 0.76 -1.57
CA VAL A 149 0.10 1.15 -0.89
C VAL A 149 0.68 0.06 0.01
N ALA A 150 1.99 0.18 0.24
CA ALA A 150 2.70 -0.60 1.27
C ALA A 150 2.34 0.00 2.64
N HIS A 151 2.26 -0.84 3.68
CA HIS A 151 2.27 -0.27 5.03
C HIS A 151 3.46 0.69 5.24
N ALA A 152 4.62 0.34 4.69
CA ALA A 152 5.83 1.17 4.78
C ALA A 152 5.63 2.56 4.13
N ASP A 153 4.80 2.64 3.09
CA ASP A 153 4.55 3.92 2.43
C ASP A 153 3.83 4.87 3.38
N ILE A 154 2.94 4.34 4.23
CA ILE A 154 2.11 5.20 5.10
C ILE A 154 2.69 5.36 6.51
N ALA A 155 3.65 4.50 6.87
CA ALA A 155 4.31 4.59 8.16
C ALA A 155 5.80 4.31 7.97
N PRO A 156 6.50 5.17 7.16
CA PRO A 156 7.89 4.86 6.77
C PRO A 156 8.91 4.79 7.90
N GLN A 157 8.65 5.49 9.01
CA GLN A 157 9.59 5.45 10.14
C GLN A 157 9.47 4.16 10.94
N ARG A 158 8.36 3.45 10.77
CA ARG A 158 8.03 2.29 11.64
C ARG A 158 7.99 0.94 10.95
N LYS A 159 7.68 0.91 9.66
CA LYS A 159 7.33 -0.33 8.95
C LYS A 159 8.08 -0.50 7.63
N ASP A 160 8.32 -1.76 7.26
CA ASP A 160 8.94 -2.13 5.98
C ASP A 160 7.99 -2.89 5.03
N ASP A 161 6.89 -3.41 5.56
CA ASP A 161 6.02 -4.35 4.82
C ASP A 161 5.24 -3.71 3.68
N PRO A 162 5.02 -4.45 2.56
CA PRO A 162 5.42 -5.87 2.32
C PRO A 162 6.86 -6.08 1.82
N GLY A 163 7.65 -5.00 1.76
CA GLY A 163 9.09 -5.12 1.51
C GLY A 163 9.53 -5.22 0.05
N PRO A 164 10.85 -5.31 -0.16
CA PRO A 164 11.44 -5.17 -1.51
C PRO A 164 11.28 -6.39 -2.44
N LEU A 165 10.69 -7.49 -1.96
CA LEU A 165 10.40 -8.67 -2.82
C LEU A 165 8.95 -8.73 -3.28
N PHE A 166 8.14 -7.77 -2.83
CA PHE A 166 6.73 -7.79 -3.23
C PHE A 166 6.61 -7.32 -4.70
N PRO A 167 5.91 -8.11 -5.56
CA PRO A 167 5.92 -7.83 -7.00
C PRO A 167 4.99 -6.71 -7.49
N TRP A 168 5.28 -5.47 -7.08
CA TRP A 168 4.43 -4.33 -7.45
C TRP A 168 4.29 -4.15 -8.97
N GLN A 169 5.41 -4.27 -9.71
CA GLN A 169 5.33 -4.05 -11.16
C GLN A 169 4.39 -5.07 -11.83
N GLN A 170 4.51 -6.34 -11.44
CA GLN A 170 3.60 -7.41 -11.90
C GLN A 170 2.12 -7.08 -11.63
N LEU A 171 1.83 -6.59 -10.44
CA LEU A 171 0.47 -6.22 -10.08
CA LEU A 171 0.48 -6.20 -10.06
C LEU A 171 0.00 -5.02 -10.90
N ALA A 172 0.90 -4.06 -11.14
CA ALA A 172 0.55 -2.89 -11.96
C ALA A 172 0.15 -3.28 -13.39
N GLN A 173 0.88 -4.24 -13.97
CA GLN A 173 0.58 -4.82 -15.28
C GLN A 173 -0.81 -5.48 -15.32
N GLN A 174 -1.32 -5.87 -14.16
CA GLN A 174 -2.65 -6.46 -14.03
C GLN A 174 -3.70 -5.46 -13.56
N GLY A 175 -3.36 -4.17 -13.56
CA GLY A 175 -4.29 -3.09 -13.21
C GLY A 175 -4.40 -2.76 -11.73
N ILE A 176 -3.43 -3.23 -10.94
CA ILE A 176 -3.42 -3.02 -9.47
C ILE A 176 -2.20 -2.19 -9.05
N GLY A 177 -2.43 -0.93 -8.66
CA GLY A 177 -1.36 -0.06 -8.20
C GLY A 177 -0.64 0.74 -9.29
N ALA A 178 0.08 1.75 -8.84
CA ALA A 178 0.80 2.72 -9.69
C ALA A 178 2.16 2.20 -10.13
N TRP A 179 2.56 2.57 -11.35
CA TRP A 179 3.92 2.28 -11.83
C TRP A 179 4.24 3.33 -12.91
N PRO A 180 5.46 3.89 -12.88
CA PRO A 180 5.81 4.94 -13.86
C PRO A 180 6.01 4.37 -15.26
N ASP A 181 5.84 5.20 -16.28
CA ASP A 181 6.09 4.80 -17.66
C ASP A 181 7.60 4.80 -17.89
N ALA A 182 8.15 3.69 -18.40
CA ALA A 182 9.60 3.55 -18.57
C ALA A 182 10.27 4.70 -19.35
N GLN A 183 9.64 5.12 -20.45
CA GLN A 183 10.17 6.20 -21.28
C GLN A 183 10.26 7.53 -20.51
N ARG A 184 9.32 7.74 -19.60
CA ARG A 184 9.30 8.96 -18.79
C ARG A 184 10.35 8.94 -17.69
N VAL A 185 10.61 7.76 -17.10
CA VAL A 185 11.74 7.60 -16.19
C VAL A 185 13.03 8.00 -16.91
N ASN A 186 13.26 7.46 -18.12
CA ASN A 186 14.46 7.78 -18.90
CA ASN A 186 14.45 7.77 -18.92
C ASN A 186 14.55 9.28 -19.19
N PHE A 187 13.41 9.88 -19.51
CA PHE A 187 13.32 11.32 -19.76
C PHE A 187 13.79 12.14 -18.55
N TYR A 188 13.27 11.83 -17.36
CA TYR A 188 13.64 12.55 -16.14
C TYR A 188 15.06 12.25 -15.61
N LEU A 189 15.63 11.11 -16.00
CA LEU A 189 17.05 10.86 -15.75
C LEU A 189 17.94 11.96 -16.36
N ALA A 190 17.50 12.51 -17.49
CA ALA A 190 18.13 13.69 -18.11
C ALA A 190 19.62 13.50 -18.36
N GLY A 191 19.97 12.32 -18.89
CA GLY A 191 21.36 12.05 -19.27
C GLY A 191 22.25 11.57 -18.14
N ARG A 192 21.72 11.52 -16.92
CA ARG A 192 22.50 11.13 -15.75
C ARG A 192 22.57 9.60 -15.60
N ALA A 193 23.69 9.11 -15.09
CA ALA A 193 23.78 7.69 -14.70
C ALA A 193 22.78 7.46 -13.53
N PRO A 194 22.14 6.27 -13.46
CA PRO A 194 21.10 6.02 -12.43
C PRO A 194 21.53 6.29 -10.98
N HIS A 195 22.79 5.99 -10.64
CA HIS A 195 23.24 6.18 -9.26
C HIS A 195 23.94 7.51 -8.98
N THR A 196 23.90 8.44 -9.93
CA THR A 196 24.43 9.78 -9.70
C THR A 196 23.70 10.39 -8.49
N PRO A 197 24.47 10.91 -7.49
CA PRO A 197 23.84 11.56 -6.35
C PRO A 197 22.95 12.75 -6.71
N VAL A 198 21.90 12.93 -5.90
CA VAL A 198 20.91 13.99 -6.06
C VAL A 198 20.78 14.72 -4.71
N ASP A 199 20.46 16.01 -4.77
CA ASP A 199 20.14 16.85 -3.62
C ASP A 199 19.03 16.14 -2.82
N THR A 200 19.32 15.76 -1.58
CA THR A 200 18.35 14.99 -0.76
C THR A 200 17.04 15.73 -0.56
N ALA A 201 17.15 17.03 -0.25
CA ALA A 201 15.95 17.87 -0.07
C ALA A 201 15.06 17.86 -1.32
N SER A 202 15.68 17.95 -2.50
CA SER A 202 14.97 17.92 -3.79
C SER A 202 14.12 16.64 -3.92
N LEU A 203 14.73 15.50 -3.59
CA LEU A 203 13.98 14.23 -3.60
C LEU A 203 12.87 14.18 -2.53
N LEU A 204 13.17 14.61 -1.31
CA LEU A 204 12.15 14.62 -0.25
C LEU A 204 10.89 15.43 -0.59
N GLU A 205 11.07 16.54 -1.32
CA GLU A 205 9.94 17.35 -1.77
CA GLU A 205 9.95 17.34 -1.77
C GLU A 205 9.02 16.49 -2.65
N LEU A 206 9.61 15.79 -3.62
CA LEU A 206 8.85 14.95 -4.57
C LEU A 206 8.09 13.85 -3.80
N LEU A 207 8.77 13.23 -2.84
CA LEU A 207 8.13 12.16 -2.06
C LEU A 207 6.99 12.68 -1.21
N ALA A 208 7.16 13.88 -0.62
CA ALA A 208 6.08 14.54 0.13
C ALA A 208 4.86 14.72 -0.78
N ARG A 209 5.12 15.21 -2.01
CA ARG A 209 4.02 15.48 -2.95
C ARG A 209 3.35 14.19 -3.43
N TYR A 210 4.13 13.13 -3.60
CA TYR A 210 3.56 11.82 -3.97
C TYR A 210 2.70 11.21 -2.86
N GLY A 211 3.08 11.48 -1.60
CA GLY A 211 2.20 11.19 -0.44
C GLY A 211 2.88 10.80 0.86
N TYR A 212 4.21 10.65 0.83
CA TYR A 212 5.01 10.21 2.00
C TYR A 212 5.01 11.30 3.07
N ASP A 213 5.02 10.88 4.33
CA ASP A 213 5.04 11.77 5.50
C ASP A 213 6.44 12.42 5.63
N VAL A 214 6.58 13.66 5.17
CA VAL A 214 7.85 14.38 5.23
C VAL A 214 7.62 15.64 6.06
N LYS A 215 8.43 15.85 7.08
CA LYS A 215 8.24 17.00 7.99
C LYS A 215 9.47 17.90 7.92
N PRO A 216 9.34 19.18 8.31
CA PRO A 216 10.59 19.97 8.41
C PRO A 216 11.48 19.44 9.53
N ASP A 217 12.79 19.68 9.41
CA ASP A 217 13.78 19.34 10.45
C ASP A 217 13.85 17.85 10.80
N MET A 218 13.68 16.98 9.80
CA MET A 218 13.86 15.54 10.00
C MET A 218 15.35 15.26 10.14
N THR A 219 15.68 14.29 10.99
CA THR A 219 17.06 13.85 11.15
C THR A 219 17.50 13.10 9.89
N PRO A 220 18.82 12.96 9.66
CA PRO A 220 19.32 12.15 8.55
C PRO A 220 18.72 10.74 8.48
N ARG A 221 18.59 10.07 9.62
CA ARG A 221 17.98 8.74 9.67
C ARG A 221 16.52 8.76 9.22
N GLU A 222 15.75 9.75 9.67
CA GLU A 222 14.33 9.87 9.30
C GLU A 222 14.20 10.13 7.80
N GLN A 223 15.10 10.96 7.28
CA GLN A 223 15.17 11.24 5.83
C GLN A 223 15.47 9.93 5.07
N ARG A 224 16.46 9.18 5.53
CA ARG A 224 16.80 7.88 4.94
C ARG A 224 15.63 6.88 4.95
N ARG A 225 14.85 6.85 6.03
CA ARG A 225 13.70 5.90 6.12
C ARG A 225 12.65 6.19 5.05
N VAL A 226 12.35 7.47 4.80
CA VAL A 226 11.33 7.82 3.80
C VAL A 226 11.83 7.39 2.40
N ILE A 227 13.08 7.73 2.09
CA ILE A 227 13.66 7.36 0.77
C ILE A 227 13.71 5.82 0.63
N MET A 228 14.14 5.13 1.69
CA MET A 228 14.17 3.67 1.68
C MET A 228 12.79 3.05 1.42
N ALA A 229 11.76 3.56 2.09
CA ALA A 229 10.40 3.04 1.90
C ALA A 229 10.00 3.19 0.44
N PHE A 230 10.23 4.39 -0.12
CA PHE A 230 9.94 4.63 -1.53
C PHE A 230 10.69 3.64 -2.44
N GLN A 231 11.99 3.45 -2.19
CA GLN A 231 12.82 2.54 -2.98
C GLN A 231 12.35 1.09 -2.85
N MET A 232 11.98 0.67 -1.64
CA MET A 232 11.47 -0.72 -1.48
C MET A 232 10.26 -0.97 -2.39
N HIS A 233 9.40 0.04 -2.57
CA HIS A 233 8.22 -0.12 -3.42
C HIS A 233 8.58 0.02 -4.92
N PHE A 234 9.27 1.09 -5.27
CA PHE A 234 9.45 1.49 -6.68
C PHE A 234 10.85 1.33 -7.30
N ARG A 235 11.86 1.06 -6.48
CA ARG A 235 13.24 0.88 -6.99
C ARG A 235 13.95 -0.18 -6.12
N PRO A 236 13.36 -1.39 -6.05
CA PRO A 236 13.75 -2.40 -5.07
C PRO A 236 15.14 -3.01 -5.25
N THR A 237 15.79 -2.77 -6.39
CA THR A 237 17.18 -3.25 -6.59
C THR A 237 18.19 -2.52 -5.69
N LEU A 238 17.85 -1.33 -5.20
CA LEU A 238 18.70 -0.62 -4.24
C LEU A 238 17.85 0.28 -3.36
N TYR A 239 17.72 -0.11 -2.09
CA TYR A 239 16.88 0.64 -1.13
C TYR A 239 17.74 1.10 0.07
N ASN A 240 18.91 1.67 -0.22
CA ASN A 240 19.79 2.16 0.86
C ASN A 240 19.37 3.50 1.47
N GLY A 241 18.34 4.12 0.89
CA GLY A 241 17.84 5.40 1.41
C GLY A 241 18.61 6.62 0.97
N GLU A 242 19.55 6.44 0.04
CA GLU A 242 20.33 7.52 -0.55
C GLU A 242 19.67 8.08 -1.81
N ALA A 243 19.57 9.41 -1.89
CA ALA A 243 18.94 10.06 -3.03
C ALA A 243 19.84 9.93 -4.26
N ASP A 244 19.31 9.33 -5.32
CA ASP A 244 20.06 9.30 -6.59
C ASP A 244 19.16 9.66 -7.77
N ALA A 245 19.76 9.74 -8.95
CA ALA A 245 19.08 10.24 -10.13
C ALA A 245 17.92 9.34 -10.54
N GLU A 246 18.12 8.02 -10.48
CA GLU A 246 17.05 7.08 -10.83
C GLU A 246 15.88 7.20 -9.85
N THR A 247 16.17 7.29 -8.55
CA THR A 247 15.10 7.42 -7.55
C THR A 247 14.29 8.72 -7.80
N GLN A 248 14.99 9.81 -8.06
CA GLN A 248 14.37 11.08 -8.42
C GLN A 248 13.52 10.95 -9.70
N ALA A 249 14.08 10.35 -10.75
CA ALA A 249 13.38 10.19 -12.03
C ALA A 249 12.08 9.40 -11.89
N ILE A 250 12.11 8.33 -11.10
CA ILE A 250 10.90 7.53 -10.80
C ILE A 250 9.84 8.39 -10.08
N ALA A 251 10.24 9.13 -9.05
CA ALA A 251 9.32 10.05 -8.37
C ALA A 251 8.73 11.09 -9.36
N GLU A 252 9.58 11.66 -10.21
CA GLU A 252 9.12 12.66 -11.20
C GLU A 252 8.11 12.01 -12.15
N ALA A 253 8.42 10.81 -12.65
CA ALA A 253 7.51 10.11 -13.56
C ALA A 253 6.18 9.70 -12.90
N LEU A 254 6.25 9.25 -11.65
CA LEU A 254 5.02 8.95 -10.88
C LEU A 254 4.13 10.19 -10.70
N LEU A 255 4.73 11.30 -10.28
CA LEU A 255 3.99 12.54 -10.12
C LEU A 255 3.33 13.04 -11.42
N GLU A 256 4.08 12.95 -12.52
CA GLU A 256 3.56 13.32 -13.82
C GLU A 256 2.31 12.48 -14.18
N LYS A 257 2.37 11.19 -13.91
CA LYS A 257 1.32 10.24 -14.31
C LYS A 257 0.10 10.25 -13.36
N TYR A 258 0.35 10.36 -12.05
CA TYR A 258 -0.70 10.18 -11.04
C TYR A 258 -1.06 11.42 -10.19
N GLY A 259 -0.27 12.49 -10.28
CA GLY A 259 -0.54 13.72 -9.51
C GLY A 259 -0.45 13.57 -8.00
N GLN A 260 -1.17 14.43 -7.25
CA GLN A 260 -1.05 14.51 -5.78
C GLN A 260 -2.34 14.31 -4.97
N ASP A 261 -3.49 14.36 -5.64
CA ASP A 261 -4.82 14.21 -5.04
C ASP A 261 -5.00 12.86 -4.33
#